data_2W3Y
#
_entry.id   2W3Y
#
_cell.length_a   69.560
_cell.length_b   86.715
_cell.length_c   91.457
_cell.angle_alpha   90.00
_cell.angle_beta   90.00
_cell.angle_gamma   90.00
#
_symmetry.space_group_name_H-M   'P 21 21 21'
#
loop_
_entity.id
_entity.type
_entity.pdbx_description
1 polymer 'VIRULENCE FACTOR'
2 non-polymer 'PALMITIC ACID'
3 water water
#
_entity_poly.entity_id   1
_entity_poly.type   'polypeptide(L)'
_entity_poly.pdbx_seq_one_letter_code
;MLNEKAIQDVDLYFQNIHGPEGRLASNETFDIVPGLSKDGAVQYQTYQFNEAPKHLQKQVKAGRILMERFVAVASAAVNK
KAPSNKEKYHYDIWKEVSNQLIPAFFTDPIKGEQNLNTTVKGVEVAKSVIQFAGNVIAGNVTGFATFLQNFGNGLSAEMN
KTQANYNYLYAYSTHDLFQDTSGNVFYKPRFLIYGTHFKQEQKKIATSCASYQEVNLEFGVDTVGGTFRIEEYFSNETFK
KKVDNFLDKYEGKAIDDADSYFDDIFNGVKPNKNYVYHHHHHH
;
_entity_poly.pdbx_strand_id   A,B
#
loop_
_chem_comp.id
_chem_comp.type
_chem_comp.name
_chem_comp.formula
PLM non-polymer 'PALMITIC ACID' 'C16 H32 O2'
#
# COMPACT_ATOMS: atom_id res chain seq x y z
N GLN A 8 24.64 10.99 12.45
CA GLN A 8 25.34 10.60 13.72
C GLN A 8 24.36 10.23 14.86
N ASP A 9 23.08 10.58 14.69
CA ASP A 9 22.04 10.09 15.60
C ASP A 9 21.81 8.59 15.41
N VAL A 10 22.09 8.09 14.21
CA VAL A 10 22.11 6.65 13.96
C VAL A 10 23.29 5.98 14.65
N ASP A 11 24.49 6.59 14.53
CA ASP A 11 25.68 6.13 15.26
C ASP A 11 25.45 6.01 16.78
N LEU A 12 24.81 7.02 17.37
CA LEU A 12 24.52 7.02 18.80
C LEU A 12 23.52 5.92 19.20
N TYR A 13 22.52 5.70 18.34
CA TYR A 13 21.52 4.65 18.54
C TYR A 13 22.18 3.28 18.63
N PHE A 14 23.07 3.02 17.68
CA PHE A 14 23.80 1.76 17.61
C PHE A 14 24.88 1.64 18.68
N GLN A 15 25.54 2.76 19.01
CA GLN A 15 26.53 2.77 20.11
C GLN A 15 25.88 2.31 21.41
N ASN A 16 24.65 2.77 21.65
CA ASN A 16 23.93 2.41 22.86
C ASN A 16 23.52 0.94 22.91
N ILE A 17 23.06 0.41 21.77
CA ILE A 17 22.69 -1.00 21.69
C ILE A 17 23.86 -1.90 22.09
N HIS A 18 25.04 -1.62 21.56
CA HIS A 18 26.18 -2.52 21.70
C HIS A 18 27.05 -2.32 22.97
N GLY A 19 26.73 -1.31 23.78
CA GLY A 19 27.48 -1.06 25.02
C GLY A 19 27.19 -2.06 26.12
N ARG A 23 33.87 -3.33 14.54
CA ARG A 23 35.09 -4.04 14.90
C ARG A 23 35.31 -5.17 13.91
N LEU A 24 36.40 -5.10 13.15
CA LEU A 24 36.58 -5.94 11.96
C LEU A 24 37.21 -7.32 12.18
N ALA A 25 37.79 -7.56 13.35
CA ALA A 25 38.32 -8.88 13.66
C ALA A 25 37.16 -9.87 13.76
N SER A 26 37.34 -11.07 13.21
CA SER A 26 36.26 -12.06 13.09
C SER A 26 35.73 -12.55 14.45
N ASN A 27 36.57 -12.45 15.46
CA ASN A 27 36.19 -12.73 16.84
C ASN A 27 35.58 -11.51 17.55
N GLU A 28 35.57 -10.37 16.86
CA GLU A 28 35.06 -9.09 17.38
C GLU A 28 33.77 -8.58 16.70
N THR A 29 33.51 -9.03 15.46
CA THR A 29 32.24 -8.74 14.77
C THR A 29 31.05 -9.22 15.60
N PHE A 30 29.90 -8.58 15.41
CA PHE A 30 28.74 -8.88 16.23
C PHE A 30 27.92 -10.07 15.72
N ASP A 31 27.53 -10.95 16.65
CA ASP A 31 26.66 -12.09 16.31
C ASP A 31 25.34 -11.63 15.69
N ILE A 32 24.85 -12.38 14.71
CA ILE A 32 23.55 -12.07 14.08
C ILE A 32 22.50 -13.05 14.55
N VAL A 33 21.24 -12.74 14.26
CA VAL A 33 20.15 -13.58 14.68
C VAL A 33 20.22 -14.87 13.85
N PRO A 34 20.26 -16.03 14.54
CA PRO A 34 20.37 -17.32 13.83
C PRO A 34 19.23 -17.54 12.84
N GLY A 35 19.56 -18.03 11.64
CA GLY A 35 18.61 -18.14 10.55
C GLY A 35 17.46 -19.10 10.82
N LEU A 36 17.75 -20.19 11.55
CA LEU A 36 16.72 -21.17 11.83
C LEU A 36 16.77 -21.65 13.27
N SER A 37 15.63 -21.58 13.95
CA SER A 37 15.55 -21.82 15.38
C SER A 37 14.19 -22.41 15.74
N LYS A 38 14.11 -23.04 16.90
CA LYS A 38 12.79 -23.44 17.38
C LYS A 38 11.86 -22.24 17.67
N ASP A 39 12.46 -21.07 17.93
CA ASP A 39 11.71 -19.83 18.21
C ASP A 39 11.33 -18.98 16.99
N GLY A 40 11.77 -19.41 15.80
CA GLY A 40 11.45 -18.70 14.56
C GLY A 40 12.59 -18.77 13.56
N ALA A 41 12.37 -18.21 12.38
CA ALA A 41 13.39 -18.26 11.33
C ALA A 41 13.53 -16.88 10.71
N VAL A 42 14.74 -16.52 10.28
CA VAL A 42 14.98 -15.34 9.46
C VAL A 42 15.62 -15.84 8.17
N GLN A 43 14.99 -15.57 7.05
CA GLN A 43 15.46 -15.99 5.75
C GLN A 43 16.34 -14.84 5.23
N TYR A 44 17.66 -15.03 5.19
CA TYR A 44 18.56 -13.99 4.68
C TYR A 44 18.75 -14.14 3.18
N GLN A 45 18.41 -13.10 2.39
CA GLN A 45 18.40 -13.26 0.93
C GLN A 45 18.97 -12.05 0.17
N THR A 46 19.53 -12.30 -1.01
CA THR A 46 19.95 -11.25 -1.95
C THR A 46 19.43 -11.57 -3.34
N TYR A 47 18.49 -10.77 -3.82
CA TYR A 47 17.91 -11.01 -5.13
C TYR A 47 18.37 -9.96 -6.11
N GLN A 48 18.96 -10.41 -7.19
CA GLN A 48 19.24 -9.50 -8.31
C GLN A 48 18.33 -9.84 -9.47
N PHE A 49 17.62 -8.84 -9.98
CA PHE A 49 16.70 -9.05 -11.09
C PHE A 49 17.34 -8.55 -12.38
N ASN A 50 17.76 -9.52 -13.19
CA ASN A 50 18.44 -9.30 -14.49
C ASN A 50 19.91 -8.93 -14.35
N GLU A 51 20.72 -9.43 -15.28
CA GLU A 51 22.11 -9.02 -15.38
C GLU A 51 22.17 -7.54 -15.73
N ALA A 52 23.15 -6.86 -15.15
CA ALA A 52 23.39 -5.44 -15.39
C ALA A 52 24.07 -5.24 -16.74
N PRO A 53 23.75 -4.12 -17.44
CA PRO A 53 24.52 -3.74 -18.62
C PRO A 53 25.95 -3.37 -18.23
N LYS A 54 26.86 -3.46 -19.19
CA LYS A 54 28.29 -3.29 -18.95
C LYS A 54 28.62 -2.11 -18.03
N HIS A 55 27.97 -0.97 -18.26
CA HIS A 55 28.24 0.26 -17.50
C HIS A 55 27.64 0.32 -16.08
N LEU A 56 26.89 -0.72 -15.67
CA LEU A 56 26.32 -0.74 -14.31
C LEU A 56 26.84 -1.88 -13.43
N GLN A 57 27.54 -2.83 -14.03
CA GLN A 57 28.04 -4.05 -13.33
C GLN A 57 28.91 -3.80 -12.10
N LYS A 58 29.82 -2.83 -12.19
CA LYS A 58 30.64 -2.43 -11.05
C LYS A 58 29.81 -1.89 -9.88
N GLN A 59 28.89 -0.97 -10.19
CA GLN A 59 27.95 -0.38 -9.22
C GLN A 59 27.06 -1.46 -8.56
N VAL A 60 26.61 -2.43 -9.33
CA VAL A 60 25.77 -3.50 -8.83
C VAL A 60 26.53 -4.43 -7.87
N LYS A 61 27.75 -4.80 -8.24
CA LYS A 61 28.60 -5.64 -7.38
C LYS A 61 28.92 -4.96 -6.05
N ALA A 62 29.19 -3.66 -6.09
CA ALA A 62 29.40 -2.88 -4.87
C ALA A 62 28.10 -2.74 -4.03
N GLY A 63 26.98 -2.48 -4.73
CA GLY A 63 25.67 -2.33 -4.10
C GLY A 63 25.22 -3.60 -3.36
N ARG A 64 25.46 -4.75 -3.98
CA ARG A 64 25.17 -6.04 -3.36
C ARG A 64 25.96 -6.24 -2.07
N ILE A 65 27.26 -5.92 -2.10
CA ILE A 65 28.08 -6.01 -0.88
C ILE A 65 27.59 -5.08 0.22
N LEU A 66 27.32 -3.83 -0.15
CA LEU A 66 26.78 -2.84 0.79
C LEU A 66 25.48 -3.30 1.48
N MET A 67 24.54 -3.82 0.68
CA MET A 67 23.24 -4.21 1.23
C MET A 67 23.35 -5.41 2.17
N GLU A 68 24.18 -6.40 1.83
CA GLU A 68 24.41 -7.57 2.71
C GLU A 68 25.01 -7.13 4.06
N ARG A 69 25.86 -6.11 4.01
CA ARG A 69 26.46 -5.54 5.21
C ARG A 69 25.42 -4.80 6.08
N PHE A 70 24.55 -4.04 5.43
CA PHE A 70 23.41 -3.37 6.10
C PHE A 70 22.45 -4.38 6.75
N VAL A 71 22.15 -5.46 6.03
CA VAL A 71 21.30 -6.54 6.58
C VAL A 71 21.93 -7.16 7.83
N ALA A 72 23.23 -7.48 7.77
CA ALA A 72 23.95 -8.05 8.93
C ALA A 72 24.06 -7.04 10.11
N VAL A 73 24.28 -5.75 9.79
CA VAL A 73 24.25 -4.68 10.83
C VAL A 73 22.88 -4.62 11.55
N ALA A 74 21.79 -4.65 10.79
CA ALA A 74 20.46 -4.62 11.40
C ALA A 74 20.22 -5.86 12.28
N SER A 75 20.57 -7.02 11.74
CA SER A 75 20.42 -8.29 12.44
C SER A 75 21.21 -8.37 13.75
N ALA A 76 22.44 -7.85 13.73
CA ALA A 76 23.29 -7.84 14.93
C ALA A 76 22.77 -6.93 16.06
N ALA A 77 22.22 -5.77 15.70
CA ALA A 77 21.54 -4.86 16.63
C ALA A 77 20.33 -5.53 17.30
N VAL A 78 19.52 -6.21 16.49
CA VAL A 78 18.35 -6.97 16.96
C VAL A 78 18.75 -8.06 17.95
N ASN A 79 19.76 -8.85 17.57
CA ASN A 79 20.30 -9.92 18.39
C ASN A 79 20.74 -9.46 19.78
N LYS A 80 21.46 -8.34 19.80
CA LYS A 80 21.85 -7.67 21.03
C LYS A 80 20.65 -7.08 21.79
N LYS A 81 19.80 -6.35 21.07
CA LYS A 81 18.68 -5.65 21.70
C LYS A 81 17.61 -6.57 22.28
N ALA A 82 17.35 -7.72 21.62
CA ALA A 82 16.31 -8.65 22.08
C ALA A 82 16.57 -9.11 23.52
N PRO A 83 15.59 -8.97 24.42
CA PRO A 83 15.68 -9.40 25.84
C PRO A 83 15.70 -10.92 26.05
N SER A 84 15.26 -11.66 25.03
CA SER A 84 15.16 -13.11 25.11
C SER A 84 15.29 -13.67 23.71
N ASN A 85 15.57 -14.96 23.63
CA ASN A 85 15.73 -15.63 22.34
C ASN A 85 14.49 -15.47 21.47
N LYS A 86 13.31 -15.67 22.06
CA LYS A 86 12.05 -15.53 21.33
C LYS A 86 11.90 -14.15 20.64
N GLU A 87 12.32 -13.12 21.35
CA GLU A 87 12.21 -11.75 20.89
C GLU A 87 13.17 -11.37 19.77
N LYS A 88 14.23 -12.17 19.56
CA LYS A 88 15.05 -12.02 18.32
C LYS A 88 14.23 -12.18 17.03
N TYR A 89 13.09 -12.88 17.12
CA TYR A 89 12.21 -13.11 15.97
C TYR A 89 10.92 -12.28 16.03
N HIS A 90 10.92 -11.21 16.83
CA HIS A 90 9.77 -10.32 16.93
C HIS A 90 9.95 -9.20 15.93
N TYR A 91 9.05 -9.15 14.94
CA TYR A 91 9.14 -8.14 13.87
C TYR A 91 9.27 -6.68 14.37
N ASP A 92 8.58 -6.36 15.46
CA ASP A 92 8.56 -4.99 15.96
C ASP A 92 9.95 -4.48 16.35
N ILE A 93 10.82 -5.36 16.83
CA ILE A 93 12.22 -5.00 17.14
C ILE A 93 13.06 -4.74 15.88
N TRP A 94 12.90 -5.59 14.87
CA TRP A 94 13.45 -5.36 13.51
C TRP A 94 12.96 -4.03 12.91
N LYS A 95 11.67 -3.72 13.07
CA LYS A 95 11.14 -2.45 12.58
C LYS A 95 11.76 -1.23 13.30
N GLU A 96 11.88 -1.29 14.63
CA GLU A 96 12.51 -0.22 15.42
C GLU A 96 13.94 0.10 14.93
N VAL A 97 14.71 -0.95 14.63
CA VAL A 97 16.11 -0.80 14.21
C VAL A 97 16.21 -0.27 12.77
N SER A 98 15.35 -0.79 11.87
CA SER A 98 15.28 -0.28 10.50
C SER A 98 14.83 1.19 10.40
N ASN A 99 13.90 1.62 11.27
CA ASN A 99 13.46 3.03 11.32
C ASN A 99 14.59 4.00 11.74
N GLN A 100 15.72 3.46 12.18
CA GLN A 100 16.90 4.24 12.49
C GLN A 100 17.84 4.31 11.30
N LEU A 101 17.98 3.19 10.57
CA LEU A 101 18.82 3.11 9.37
C LEU A 101 18.28 3.88 8.16
N ILE A 102 16.97 3.79 7.94
CA ILE A 102 16.32 4.30 6.72
C ILE A 102 16.46 5.83 6.47
N PRO A 103 16.11 6.67 7.47
CA PRO A 103 16.29 8.12 7.31
C PRO A 103 17.74 8.52 7.06
N ALA A 104 18.66 7.75 7.63
CA ALA A 104 20.09 8.02 7.57
C ALA A 104 20.74 7.77 6.21
N PHE A 105 20.40 6.64 5.58
CA PHE A 105 21.12 6.18 4.38
C PHE A 105 20.23 5.86 3.18
N PHE A 106 18.92 6.01 3.35
CA PHE A 106 18.00 5.52 2.33
C PHE A 106 16.96 6.57 1.93
N THR A 107 16.23 6.27 0.87
CA THR A 107 15.20 7.17 0.37
C THR A 107 13.93 6.35 0.06
N ASP A 108 12.87 7.04 -0.35
CA ASP A 108 11.55 6.43 -0.59
C ASP A 108 11.18 5.37 0.46
N PRO A 109 11.06 5.79 1.71
CA PRO A 109 10.74 4.79 2.75
C PRO A 109 9.40 4.11 2.51
N ILE A 110 9.32 2.81 2.80
CA ILE A 110 8.05 2.12 2.76
C ILE A 110 7.74 1.49 4.13
N LYS A 111 6.45 1.33 4.40
CA LYS A 111 5.98 0.77 5.68
C LYS A 111 4.57 0.23 5.51
N GLY A 112 4.02 -0.35 6.58
CA GLY A 112 2.62 -0.81 6.57
C GLY A 112 2.46 -2.27 6.18
N GLU A 113 1.22 -2.74 6.14
CA GLU A 113 0.97 -4.15 5.83
C GLU A 113 0.80 -4.40 4.34
N GLN A 114 1.28 -5.55 3.90
CA GLN A 114 0.93 -6.10 2.59
C GLN A 114 0.32 -7.47 2.81
N ASN A 115 -0.39 -7.96 1.81
CA ASN A 115 -1.04 -9.24 1.93
C ASN A 115 -0.73 -10.14 0.74
N LEU A 116 -0.38 -11.39 1.05
CA LEU A 116 -0.29 -12.44 0.06
C LEU A 116 -1.52 -13.34 0.22
N ASN A 117 -2.50 -13.14 -0.65
CA ASN A 117 -3.75 -13.90 -0.64
C ASN A 117 -3.95 -14.50 -2.02
N THR A 118 -3.49 -15.73 -2.20
CA THR A 118 -3.50 -16.38 -3.50
C THR A 118 -3.57 -17.90 -3.31
N THR A 119 -4.07 -18.60 -4.32
CA THR A 119 -4.09 -20.06 -4.32
C THR A 119 -3.36 -20.55 -5.56
N VAL A 120 -2.28 -21.29 -5.34
CA VAL A 120 -1.39 -21.78 -6.40
C VAL A 120 -1.02 -23.25 -6.10
N LYS A 121 -0.45 -23.95 -7.09
CA LYS A 121 0.15 -25.27 -6.86
C LYS A 121 1.40 -25.12 -6.01
N GLY A 122 1.70 -26.15 -5.22
CA GLY A 122 2.92 -26.22 -4.46
C GLY A 122 4.18 -25.88 -5.26
N VAL A 123 4.23 -26.34 -6.51
CA VAL A 123 5.41 -26.12 -7.35
C VAL A 123 5.52 -24.68 -7.88
N GLU A 124 4.47 -23.89 -7.65
CA GLU A 124 4.45 -22.47 -7.99
C GLU A 124 4.70 -21.57 -6.75
N VAL A 125 4.77 -22.16 -5.55
CA VAL A 125 4.94 -21.38 -4.31
C VAL A 125 6.22 -20.52 -4.32
N ALA A 126 7.33 -21.11 -4.74
CA ALA A 126 8.60 -20.38 -4.80
C ALA A 126 8.51 -19.15 -5.69
N LYS A 127 7.89 -19.30 -6.87
CA LYS A 127 7.63 -18.16 -7.75
C LYS A 127 6.73 -17.08 -7.12
N SER A 128 5.68 -17.51 -6.41
CA SER A 128 4.82 -16.57 -5.69
C SER A 128 5.60 -15.76 -4.66
N VAL A 129 6.53 -16.41 -3.95
CA VAL A 129 7.39 -15.72 -2.96
C VAL A 129 8.27 -14.64 -3.61
N ILE A 130 9.00 -15.00 -4.68
CA ILE A 130 9.88 -14.04 -5.35
C ILE A 130 9.06 -12.86 -5.91
N GLN A 131 7.94 -13.16 -6.54
CA GLN A 131 7.14 -12.13 -7.18
C GLN A 131 6.57 -11.15 -6.16
N PHE A 132 6.16 -11.67 -5.00
CA PHE A 132 5.69 -10.85 -3.88
C PHE A 132 6.84 -10.07 -3.23
N ALA A 133 8.00 -10.70 -3.08
CA ALA A 133 9.18 -10.09 -2.45
C ALA A 133 9.71 -8.90 -3.23
N GLY A 134 9.63 -8.96 -4.56
CA GLY A 134 10.19 -7.93 -5.43
C GLY A 134 9.24 -7.00 -6.17
N ASN A 135 7.93 -7.29 -6.16
CA ASN A 135 6.94 -6.67 -7.08
C ASN A 135 7.32 -6.87 -8.56
N VAL A 136 7.49 -8.14 -8.93
CA VAL A 136 8.03 -8.51 -10.24
C VAL A 136 7.22 -9.61 -10.91
N ILE A 137 7.32 -9.66 -12.23
CA ILE A 137 6.94 -10.84 -13.00
C ILE A 137 8.24 -11.60 -13.30
N ALA A 138 8.39 -12.76 -12.67
CA ALA A 138 9.59 -13.58 -12.79
C ALA A 138 9.49 -14.52 -13.97
N GLY A 139 10.64 -15.04 -14.40
CA GLY A 139 10.69 -16.12 -15.38
C GLY A 139 11.13 -17.39 -14.67
N ASN A 140 12.31 -17.87 -15.06
CA ASN A 140 12.91 -19.05 -14.47
C ASN A 140 13.39 -18.78 -13.04
N VAL A 141 12.79 -19.47 -12.08
CA VAL A 141 13.21 -19.37 -10.68
C VAL A 141 13.53 -20.75 -10.10
N THR A 142 13.93 -21.69 -10.96
CA THR A 142 14.11 -23.09 -10.54
C THR A 142 15.21 -23.29 -9.51
N GLY A 143 16.25 -22.44 -9.57
CA GLY A 143 17.32 -22.43 -8.56
C GLY A 143 16.83 -22.06 -7.17
N PHE A 144 16.10 -20.94 -7.07
CA PHE A 144 15.45 -20.57 -5.80
C PHE A 144 14.47 -21.64 -5.33
N ALA A 145 13.70 -22.22 -6.26
CA ALA A 145 12.76 -23.30 -5.93
C ALA A 145 13.43 -24.49 -5.25
N THR A 146 14.59 -24.91 -5.76
CA THR A 146 15.40 -25.95 -5.12
C THR A 146 15.89 -25.52 -3.73
N PHE A 147 16.37 -24.28 -3.62
CA PHE A 147 16.81 -23.79 -2.31
C PHE A 147 15.68 -23.86 -1.26
N LEU A 148 14.50 -23.36 -1.65
CA LEU A 148 13.38 -23.17 -0.71
C LEU A 148 12.82 -24.53 -0.31
N GLN A 149 12.77 -25.44 -1.28
CA GLN A 149 12.29 -26.79 -1.04
C GLN A 149 13.15 -27.50 0.01
N ASN A 150 14.47 -27.44 -0.17
CA ASN A 150 15.40 -28.06 0.77
C ASN A 150 15.38 -27.37 2.13
N PHE A 151 15.32 -26.04 2.13
CA PHE A 151 15.22 -25.29 3.38
C PHE A 151 13.91 -25.60 4.12
N GLY A 152 12.84 -25.81 3.36
CA GLY A 152 11.53 -26.14 3.92
C GLY A 152 11.53 -27.37 4.83
N ASN A 153 12.41 -28.33 4.56
CA ASN A 153 12.60 -29.50 5.45
C ASN A 153 12.98 -29.10 6.87
N GLY A 154 13.96 -28.21 6.98
CA GLY A 154 14.42 -27.72 8.29
C GLY A 154 13.38 -26.85 8.95
N LEU A 155 12.74 -25.99 8.17
CA LEU A 155 11.71 -25.08 8.67
C LEU A 155 10.54 -25.85 9.27
N SER A 156 10.09 -26.85 8.52
CA SER A 156 8.97 -27.72 8.88
C SER A 156 9.22 -28.45 10.19
N ALA A 157 10.41 -29.04 10.31
CA ALA A 157 10.87 -29.66 11.54
C ALA A 157 10.78 -28.72 12.75
N GLU A 158 11.25 -27.48 12.61
CA GLU A 158 11.18 -26.54 13.73
C GLU A 158 9.77 -26.12 14.10
N MET A 159 8.97 -25.69 13.10
CA MET A 159 7.61 -25.20 13.34
C MET A 159 6.63 -26.22 13.89
N ASN A 160 6.85 -27.49 13.58
CA ASN A 160 5.95 -28.55 14.02
C ASN A 160 6.25 -29.10 15.42
N LYS A 161 7.22 -28.49 16.10
CA LYS A 161 7.61 -28.90 17.44
C LYS A 161 6.52 -28.62 18.45
N THR A 162 5.80 -27.50 18.28
CA THR A 162 4.64 -27.18 19.11
C THR A 162 3.45 -26.66 18.29
N GLN A 163 2.35 -26.37 18.98
CA GLN A 163 1.13 -25.85 18.35
C GLN A 163 1.16 -24.33 18.15
N ALA A 164 2.17 -23.68 18.71
CA ALA A 164 2.25 -22.23 18.68
C ALA A 164 2.47 -21.68 17.27
N ASN A 165 2.15 -20.41 17.06
CA ASN A 165 2.48 -19.74 15.80
C ASN A 165 4.00 -19.71 15.69
N TYR A 166 4.50 -19.81 14.46
CA TYR A 166 5.95 -19.83 14.20
C TYR A 166 6.34 -18.56 13.40
N ASN A 167 7.09 -17.68 14.06
CA ASN A 167 7.50 -16.39 13.45
C ASN A 167 8.49 -16.56 12.30
N TYR A 168 8.28 -15.79 11.23
CA TYR A 168 8.99 -15.99 9.95
C TYR A 168 9.24 -14.66 9.27
N LEU A 169 10.52 -14.30 9.16
CA LEU A 169 10.97 -13.01 8.63
C LEU A 169 11.86 -13.19 7.39
N TYR A 170 11.74 -12.28 6.43
CA TYR A 170 12.67 -12.11 5.33
C TYR A 170 13.47 -10.84 5.60
N ALA A 171 14.79 -11.00 5.72
CA ALA A 171 15.73 -9.89 5.87
C ALA A 171 16.60 -9.92 4.61
N TYR A 172 16.33 -9.02 3.68
CA TYR A 172 16.84 -9.16 2.33
C TYR A 172 17.10 -7.84 1.62
N SER A 173 17.76 -7.94 0.47
CA SER A 173 17.90 -6.84 -0.47
C SER A 173 17.50 -7.29 -1.87
N THR A 174 17.02 -6.33 -2.67
CA THR A 174 16.76 -6.55 -4.10
C THR A 174 17.60 -5.56 -4.90
N HIS A 175 18.02 -6.01 -6.08
CA HIS A 175 18.91 -5.24 -6.94
C HIS A 175 18.25 -5.25 -8.31
N ASP A 176 17.50 -4.18 -8.58
CA ASP A 176 16.63 -4.07 -9.75
C ASP A 176 17.36 -3.46 -10.92
N LEU A 177 17.40 -4.21 -12.03
CA LEU A 177 17.93 -3.71 -13.31
C LEU A 177 16.84 -3.77 -14.34
N PHE A 178 16.06 -2.69 -14.41
CA PHE A 178 14.87 -2.63 -15.22
C PHE A 178 14.94 -1.38 -16.10
N GLN A 179 14.17 -1.38 -17.17
CA GLN A 179 14.05 -0.24 -18.07
C GLN A 179 13.08 0.84 -17.56
N ASP A 180 13.53 2.10 -17.58
CA ASP A 180 12.60 3.24 -17.44
C ASP A 180 11.70 3.37 -18.69
N THR A 181 10.82 4.37 -18.70
CA THR A 181 9.87 4.59 -19.81
C THR A 181 10.57 4.90 -21.14
N SER A 182 11.76 5.49 -21.05
CA SER A 182 12.55 5.81 -22.22
C SER A 182 13.37 4.63 -22.74
N GLY A 183 13.24 3.47 -22.09
CA GLY A 183 13.97 2.26 -22.51
C GLY A 183 15.37 2.12 -21.92
N ASN A 184 15.74 3.03 -21.03
CA ASN A 184 17.06 3.00 -20.41
C ASN A 184 17.07 2.24 -19.09
N VAL A 185 18.07 1.39 -18.92
CA VAL A 185 18.19 0.58 -17.70
C VAL A 185 18.67 1.40 -16.52
N PHE A 186 17.98 1.24 -15.38
CA PHE A 186 18.42 1.82 -14.13
C PHE A 186 18.75 0.73 -13.11
N TYR A 187 19.58 1.10 -12.14
CA TYR A 187 19.84 0.25 -10.98
C TYR A 187 19.17 0.84 -9.72
N LYS A 188 18.23 0.07 -9.14
CA LYS A 188 17.62 0.44 -7.86
C LYS A 188 17.95 -0.62 -6.79
N PRO A 189 18.83 -0.28 -5.83
CA PRO A 189 19.02 -1.19 -4.70
C PRO A 189 18.07 -0.91 -3.53
N ARG A 190 17.35 -1.94 -3.08
CA ARG A 190 16.41 -1.80 -1.94
C ARG A 190 16.77 -2.70 -0.74
N PHE A 191 16.61 -2.15 0.47
CA PHE A 191 16.76 -2.83 1.76
C PHE A 191 15.33 -3.08 2.30
N LEU A 192 15.00 -4.33 2.55
CA LEU A 192 13.63 -4.74 2.95
C LEU A 192 13.61 -5.73 4.13
N ILE A 193 12.77 -5.46 5.15
CA ILE A 193 12.51 -6.43 6.23
C ILE A 193 11.00 -6.71 6.27
N TYR A 194 10.64 -7.96 6.02
CA TYR A 194 9.22 -8.37 5.98
C TYR A 194 9.03 -9.37 7.09
N GLY A 195 7.84 -9.35 7.69
CA GLY A 195 7.57 -10.23 8.82
C GLY A 195 6.18 -10.84 8.78
N THR A 196 6.12 -12.15 8.96
CA THR A 196 4.83 -12.87 9.06
C THR A 196 4.99 -14.00 10.09
N HIS A 197 4.04 -14.94 10.08
CA HIS A 197 4.12 -16.12 10.92
C HIS A 197 3.31 -17.23 10.23
N PHE A 198 3.54 -18.47 10.65
CA PHE A 198 2.73 -19.60 10.22
C PHE A 198 1.84 -20.00 11.40
N LYS A 199 0.54 -19.97 11.20
CA LYS A 199 -0.44 -20.54 12.12
C LYS A 199 -0.42 -22.08 11.99
N GLN A 200 -0.90 -22.79 13.01
CA GLN A 200 -0.86 -24.27 12.97
C GLN A 200 -1.33 -24.86 11.64
N GLU A 201 -2.47 -24.38 11.13
CA GLU A 201 -3.09 -24.92 9.92
C GLU A 201 -2.32 -24.58 8.63
N GLN A 202 -1.38 -23.65 8.74
CA GLN A 202 -0.52 -23.26 7.63
C GLN A 202 0.82 -24.02 7.57
N LYS A 203 1.15 -24.77 8.62
CA LYS A 203 2.49 -25.36 8.72
C LYS A 203 2.83 -26.35 7.60
N LYS A 204 1.80 -27.07 7.14
CA LYS A 204 1.84 -27.95 5.96
C LYS A 204 2.53 -27.37 4.71
N ILE A 205 2.43 -26.04 4.54
CA ILE A 205 2.98 -25.35 3.36
C ILE A 205 4.48 -25.59 3.17
N ALA A 206 5.21 -25.68 4.29
CA ALA A 206 6.68 -25.88 4.30
C ALA A 206 7.18 -27.20 3.66
N THR A 207 6.28 -28.14 3.46
CA THR A 207 6.63 -29.39 2.75
C THR A 207 5.79 -29.67 1.51
N SER A 208 5.31 -28.61 0.85
CA SER A 208 4.37 -28.76 -0.27
C SER A 208 4.97 -28.33 -1.61
N CYS A 209 6.25 -28.00 -1.64
CA CYS A 209 6.88 -27.40 -2.83
C CYS A 209 7.02 -28.38 -4.01
N ALA A 210 6.84 -29.68 -3.76
CA ALA A 210 6.94 -30.69 -4.82
C ALA A 210 5.56 -31.13 -5.35
N SER A 211 4.51 -30.67 -4.67
CA SER A 211 3.14 -31.04 -4.98
C SER A 211 2.51 -30.23 -6.12
N TYR A 212 1.69 -30.92 -6.92
CA TYR A 212 0.91 -30.30 -7.98
C TYR A 212 -0.51 -29.97 -7.50
N GLN A 213 -0.79 -30.33 -6.25
CA GLN A 213 -2.04 -29.99 -5.58
C GLN A 213 -2.04 -28.49 -5.20
N GLU A 214 -3.23 -27.90 -5.10
CA GLU A 214 -3.40 -26.48 -4.75
C GLU A 214 -3.10 -26.20 -3.28
N VAL A 215 -2.44 -25.06 -3.01
CA VAL A 215 -2.24 -24.61 -1.64
C VAL A 215 -2.73 -23.17 -1.46
N ASN A 216 -3.40 -22.89 -0.35
CA ASN A 216 -3.87 -21.55 -0.05
C ASN A 216 -2.80 -20.78 0.71
N LEU A 217 -2.33 -19.69 0.09
CA LEU A 217 -1.39 -18.79 0.75
C LEU A 217 -2.17 -17.58 1.23
N GLU A 218 -2.34 -17.48 2.54
CA GLU A 218 -3.00 -16.33 3.16
C GLU A 218 -2.13 -15.82 4.32
N PHE A 219 -1.31 -14.80 4.03
CA PHE A 219 -0.36 -14.28 5.02
C PHE A 219 -0.47 -12.77 5.08
N GLY A 220 -0.56 -12.27 6.31
CA GLY A 220 -0.45 -10.84 6.55
C GLY A 220 1.00 -10.55 6.81
N VAL A 221 1.59 -9.68 5.98
CA VAL A 221 3.02 -9.41 6.00
C VAL A 221 3.26 -7.94 6.36
N ASP A 222 3.95 -7.70 7.48
CA ASP A 222 4.37 -6.35 7.88
C ASP A 222 5.64 -5.99 7.14
N THR A 223 5.73 -4.75 6.65
CA THR A 223 6.84 -4.35 5.79
C THR A 223 7.54 -3.07 6.26
N VAL A 224 8.86 -3.04 6.06
CA VAL A 224 9.68 -1.85 6.27
C VAL A 224 10.86 -1.93 5.30
N GLY A 225 11.30 -0.78 4.82
CA GLY A 225 12.38 -0.74 3.85
C GLY A 225 12.60 0.60 3.18
N GLY A 226 13.61 0.65 2.31
CA GLY A 226 13.88 1.85 1.56
C GLY A 226 14.82 1.57 0.41
N THR A 227 15.06 2.59 -0.39
CA THR A 227 15.96 2.53 -1.54
C THR A 227 17.29 3.15 -1.09
N PHE A 228 18.41 2.47 -1.34
CA PHE A 228 19.71 3.03 -0.99
C PHE A 228 20.14 4.16 -1.92
N ARG A 229 20.80 5.15 -1.33
CA ARG A 229 21.32 6.32 -2.04
C ARG A 229 22.62 5.96 -2.76
N ILE A 230 22.52 5.09 -3.75
CA ILE A 230 23.70 4.58 -4.47
C ILE A 230 24.42 5.65 -5.31
N GLU A 231 23.62 6.58 -5.84
CA GLU A 231 24.10 7.71 -6.66
C GLU A 231 24.99 8.65 -5.84
N GLU A 232 24.52 9.01 -4.65
CA GLU A 232 25.28 9.82 -3.71
C GLU A 232 26.50 9.09 -3.14
N TYR A 233 26.40 7.77 -2.96
CA TYR A 233 27.53 6.99 -2.48
C TYR A 233 28.72 7.04 -3.46
N PHE A 234 28.43 7.05 -4.75
CA PHE A 234 29.47 7.08 -5.77
C PHE A 234 29.85 8.50 -6.24
N SER A 235 29.11 9.52 -5.80
CA SER A 235 29.39 10.89 -6.20
C SER A 235 29.83 11.81 -5.06
N ASN A 236 29.43 11.45 -3.84
CA ASN A 236 29.64 12.29 -2.67
C ASN A 236 30.59 11.59 -1.70
N GLU A 237 31.86 12.01 -1.70
CA GLU A 237 32.89 11.35 -0.91
C GLU A 237 32.63 11.37 0.60
N THR A 238 32.00 12.44 1.09
CA THR A 238 31.72 12.60 2.52
C THR A 238 30.51 11.73 2.94
N PHE A 239 29.63 11.43 2.00
CA PHE A 239 28.56 10.47 2.24
C PHE A 239 29.08 9.02 2.17
N LYS A 240 29.91 8.75 1.16
CA LYS A 240 30.62 7.45 1.07
C LYS A 240 31.36 7.12 2.38
N LYS A 241 31.95 8.15 3.00
CA LYS A 241 32.70 7.98 4.25
C LYS A 241 31.85 7.68 5.47
N LYS A 242 30.72 8.35 5.63
CA LYS A 242 29.86 8.03 6.79
C LYS A 242 29.25 6.63 6.67
N VAL A 243 28.87 6.23 5.45
CA VAL A 243 28.41 4.88 5.16
C VAL A 243 29.48 3.87 5.56
N ASP A 244 30.68 3.98 4.98
CA ASP A 244 31.78 3.04 5.20
C ASP A 244 32.22 2.94 6.66
N ASN A 245 32.31 4.08 7.35
CA ASN A 245 32.69 4.11 8.75
C ASN A 245 31.64 3.44 9.65
N PHE A 246 30.38 3.75 9.40
CA PHE A 246 29.27 3.16 10.15
C PHE A 246 29.25 1.63 9.97
N LEU A 247 29.30 1.20 8.71
CA LEU A 247 29.34 -0.24 8.39
C LEU A 247 30.53 -0.97 9.03
N ASP A 248 31.71 -0.33 9.01
CA ASP A 248 32.91 -0.85 9.67
C ASP A 248 32.78 -0.98 11.19
N LYS A 249 32.14 0.00 11.83
CA LYS A 249 32.00 0.02 13.27
C LYS A 249 31.01 -1.03 13.84
N TYR A 250 29.92 -1.28 13.12
CA TYR A 250 28.83 -2.08 13.65
C TYR A 250 28.63 -3.40 12.91
N GLU A 251 29.66 -3.79 12.15
CA GLU A 251 29.67 -4.99 11.29
C GLU A 251 29.15 -6.26 11.98
N GLY A 252 28.17 -6.91 11.37
CA GLY A 252 27.72 -8.22 11.82
C GLY A 252 28.46 -9.32 11.08
N LYS A 253 28.42 -10.53 11.63
CA LYS A 253 28.88 -11.73 10.91
C LYS A 253 28.21 -11.81 9.54
N ALA A 254 28.93 -12.35 8.55
CA ALA A 254 28.40 -12.46 7.19
C ALA A 254 27.09 -13.25 7.11
N ILE A 255 26.06 -12.64 6.53
CA ILE A 255 24.79 -13.35 6.26
C ILE A 255 24.97 -14.50 5.26
N ASP A 256 25.98 -14.41 4.40
CA ASP A 256 26.25 -15.52 3.46
C ASP A 256 26.78 -16.81 4.11
N ASP A 257 27.13 -16.75 5.40
CA ASP A 257 27.43 -17.94 6.20
C ASP A 257 26.20 -18.58 6.90
N ALA A 258 25.04 -17.90 6.87
CA ALA A 258 23.83 -18.46 7.51
C ALA A 258 23.23 -19.66 6.74
N ASP A 259 22.66 -20.59 7.48
CA ASP A 259 21.97 -21.74 6.91
C ASP A 259 20.74 -21.34 6.07
N SER A 260 20.15 -20.19 6.36
CA SER A 260 18.99 -19.69 5.60
C SER A 260 19.32 -18.78 4.40
N TYR A 261 20.59 -18.69 4.02
CA TYR A 261 21.00 -17.72 2.99
C TYR A 261 20.88 -18.25 1.57
N PHE A 262 20.43 -17.39 0.66
CA PHE A 262 20.40 -17.66 -0.78
C PHE A 262 20.63 -16.35 -1.52
N ASP A 263 21.36 -16.41 -2.62
CA ASP A 263 21.45 -15.30 -3.55
C ASP A 263 21.32 -15.83 -4.97
N ASP A 264 20.84 -14.98 -5.89
CA ASP A 264 20.78 -15.33 -7.29
C ASP A 264 20.66 -14.09 -8.15
N ILE A 265 21.08 -14.23 -9.41
CA ILE A 265 20.70 -13.29 -10.46
C ILE A 265 19.59 -13.96 -11.26
N PHE A 266 18.38 -13.43 -11.11
CA PHE A 266 17.24 -13.96 -11.83
C PHE A 266 17.24 -13.37 -13.24
N ASN A 267 16.93 -14.20 -14.23
CA ASN A 267 16.92 -13.78 -15.63
C ASN A 267 15.51 -13.62 -16.19
N GLY A 268 15.38 -12.71 -17.16
CA GLY A 268 14.11 -12.44 -17.85
C GLY A 268 13.02 -11.85 -16.97
N VAL A 269 13.40 -10.92 -16.09
CA VAL A 269 12.47 -10.34 -15.10
C VAL A 269 11.97 -8.94 -15.50
N LYS A 270 10.69 -8.68 -15.28
CA LYS A 270 10.18 -7.32 -15.42
C LYS A 270 9.34 -6.91 -14.20
N PRO A 271 9.17 -5.58 -13.97
CA PRO A 271 8.32 -5.13 -12.87
C PRO A 271 6.85 -5.51 -13.10
N ASN A 272 6.12 -5.73 -12.02
CA ASN A 272 4.67 -5.92 -12.12
C ASN A 272 3.95 -4.59 -11.87
N LYS A 273 2.62 -4.62 -11.87
CA LYS A 273 1.84 -3.39 -11.73
C LYS A 273 1.91 -2.74 -10.33
N ASN A 274 2.52 -3.40 -9.35
CA ASN A 274 2.68 -2.81 -8.02
C ASN A 274 4.04 -2.16 -7.83
N TYR A 275 4.91 -2.29 -8.83
CA TYR A 275 6.27 -1.78 -8.75
C TYR A 275 6.25 -0.26 -8.80
N VAL A 276 7.02 0.35 -7.91
CA VAL A 276 7.13 1.82 -7.84
C VAL A 276 8.50 2.26 -8.37
N TYR A 277 8.49 2.94 -9.51
CA TYR A 277 9.73 3.43 -10.14
C TYR A 277 10.38 4.57 -9.34
N VAL B 10 -22.67 -5.07 -18.68
CA VAL B 10 -21.93 -4.63 -17.46
C VAL B 10 -21.27 -5.83 -16.78
N ASP B 11 -22.03 -6.91 -16.60
CA ASP B 11 -21.48 -8.18 -16.13
C ASP B 11 -20.40 -8.69 -17.09
N LEU B 12 -20.66 -8.54 -18.39
CA LEU B 12 -19.72 -8.89 -19.43
C LEU B 12 -18.46 -8.01 -19.39
N TYR B 13 -18.64 -6.73 -19.05
CA TYR B 13 -17.53 -5.79 -18.90
C TYR B 13 -16.62 -6.21 -17.74
N PHE B 14 -17.24 -6.60 -16.63
CA PHE B 14 -16.52 -6.99 -15.43
C PHE B 14 -15.97 -8.42 -15.47
N GLN B 15 -16.72 -9.34 -16.08
CA GLN B 15 -16.21 -10.68 -16.37
C GLN B 15 -14.89 -10.55 -17.16
N ASN B 16 -14.91 -9.73 -18.21
CA ASN B 16 -13.73 -9.45 -19.02
C ASN B 16 -12.51 -8.97 -18.23
N ILE B 17 -12.71 -8.00 -17.33
CA ILE B 17 -11.62 -7.47 -16.53
C ILE B 17 -11.06 -8.53 -15.56
N HIS B 18 -11.96 -9.29 -14.93
CA HIS B 18 -11.57 -10.24 -13.87
C HIS B 18 -11.40 -11.70 -14.32
N GLY B 19 -11.42 -11.94 -15.63
CA GLY B 19 -11.11 -13.27 -16.15
C GLY B 19 -9.80 -13.26 -16.94
N ASN B 27 -8.87 -12.52 0.58
CA ASN B 27 -8.56 -13.87 0.13
C ASN B 27 -9.40 -14.31 -1.07
N GLU B 28 -10.68 -13.93 -1.07
CA GLU B 28 -11.56 -14.20 -2.21
C GLU B 28 -11.79 -12.93 -3.04
N THR B 29 -11.77 -11.79 -2.36
CA THR B 29 -12.01 -10.48 -2.96
C THR B 29 -10.82 -9.99 -3.78
N PHE B 30 -11.07 -9.03 -4.66
CA PHE B 30 -10.00 -8.40 -5.44
C PHE B 30 -9.40 -7.20 -4.72
N ASP B 31 -8.09 -7.05 -4.86
CA ASP B 31 -7.36 -5.91 -4.31
C ASP B 31 -7.85 -4.58 -4.90
N ILE B 32 -7.85 -3.54 -4.07
CA ILE B 32 -8.23 -2.21 -4.52
C ILE B 32 -6.98 -1.32 -4.68
N VAL B 33 -7.16 -0.16 -5.31
CA VAL B 33 -6.09 0.81 -5.45
C VAL B 33 -5.68 1.34 -4.06
N PRO B 34 -4.38 1.25 -3.72
CA PRO B 34 -3.93 1.79 -2.43
C PRO B 34 -4.20 3.29 -2.29
N GLY B 35 -4.58 3.68 -1.08
CA GLY B 35 -4.95 5.07 -0.78
C GLY B 35 -3.78 6.04 -0.93
N LEU B 36 -2.59 5.59 -0.56
CA LEU B 36 -1.38 6.43 -0.60
C LEU B 36 -0.23 5.77 -1.35
N SER B 37 0.36 6.53 -2.26
CA SER B 37 1.43 6.05 -3.11
C SER B 37 2.31 7.20 -3.57
N LYS B 38 3.57 6.89 -3.88
CA LYS B 38 4.45 7.83 -4.56
C LYS B 38 3.80 8.31 -5.86
N ASP B 39 3.04 7.44 -6.51
CA ASP B 39 2.40 7.70 -7.80
C ASP B 39 1.00 8.36 -7.81
N GLY B 40 0.43 8.57 -6.64
CA GLY B 40 -0.86 9.25 -6.56
C GLY B 40 -1.60 8.84 -5.30
N ALA B 41 -2.73 9.47 -5.05
CA ALA B 41 -3.57 9.10 -3.91
C ALA B 41 -5.04 9.02 -4.33
N VAL B 42 -5.76 8.11 -3.68
CA VAL B 42 -7.21 8.05 -3.73
C VAL B 42 -7.74 8.21 -2.32
N GLN B 43 -8.57 9.22 -2.11
CA GLN B 43 -9.23 9.48 -0.84
C GLN B 43 -10.56 8.71 -0.86
N TYR B 44 -10.71 7.69 -0.03
CA TYR B 44 -11.95 6.91 0.02
C TYR B 44 -12.85 7.44 1.13
N GLN B 45 -14.02 7.94 0.79
CA GLN B 45 -14.85 8.63 1.79
C GLN B 45 -16.32 8.20 1.75
N THR B 46 -16.96 8.17 2.92
CA THR B 46 -18.43 8.06 3.03
C THR B 46 -19.03 9.21 3.88
N TYR B 47 -19.84 10.07 3.25
CA TYR B 47 -20.42 11.23 3.93
C TYR B 47 -21.94 11.12 4.04
N GLN B 48 -22.45 11.23 5.26
CA GLN B 48 -23.89 11.34 5.45
C GLN B 48 -24.21 12.76 5.92
N PHE B 49 -25.17 13.40 5.25
CA PHE B 49 -25.57 14.74 5.61
C PHE B 49 -26.88 14.68 6.37
N ASN B 50 -26.78 14.78 7.70
CA ASN B 50 -27.90 14.76 8.66
C ASN B 50 -28.31 13.36 9.06
N GLU B 51 -28.68 13.19 10.33
CA GLU B 51 -29.24 11.91 10.81
C GLU B 51 -30.55 11.63 10.07
N ALA B 52 -30.84 10.36 9.87
CA ALA B 52 -32.06 9.93 9.20
C ALA B 52 -33.23 9.86 10.20
N PRO B 53 -34.44 10.32 9.80
CA PRO B 53 -35.63 10.02 10.60
C PRO B 53 -35.83 8.52 10.77
N LYS B 54 -36.56 8.14 11.82
CA LYS B 54 -36.67 6.74 12.27
C LYS B 54 -36.99 5.79 11.14
N HIS B 55 -37.94 6.19 10.29
CA HIS B 55 -38.42 5.35 9.20
C HIS B 55 -37.45 5.24 8.01
N LEU B 56 -36.43 6.10 7.98
CA LEU B 56 -35.41 6.01 6.91
C LEU B 56 -34.11 5.33 7.35
N GLN B 57 -34.01 4.99 8.64
CA GLN B 57 -32.77 4.46 9.22
C GLN B 57 -32.27 3.16 8.58
N LYS B 58 -33.18 2.23 8.36
CA LYS B 58 -32.87 0.94 7.75
C LYS B 58 -32.38 1.15 6.31
N GLN B 59 -33.05 2.01 5.57
CA GLN B 59 -32.66 2.36 4.20
C GLN B 59 -31.24 2.97 4.11
N VAL B 60 -30.92 3.86 5.05
CA VAL B 60 -29.61 4.55 5.05
C VAL B 60 -28.46 3.63 5.46
N LYS B 61 -28.67 2.78 6.47
CA LYS B 61 -27.67 1.77 6.86
C LYS B 61 -27.37 0.83 5.68
N ALA B 62 -28.42 0.37 5.01
CA ALA B 62 -28.29 -0.48 3.83
C ALA B 62 -27.60 0.25 2.67
N GLY B 63 -28.00 1.49 2.42
CA GLY B 63 -27.45 2.29 1.33
C GLY B 63 -25.98 2.61 1.49
N ARG B 64 -25.56 2.95 2.71
CA ARG B 64 -24.14 3.19 2.99
C ARG B 64 -23.30 1.95 2.73
N ILE B 65 -23.83 0.77 3.10
CA ILE B 65 -23.13 -0.48 2.82
C ILE B 65 -23.02 -0.72 1.32
N LEU B 66 -24.10 -0.49 0.58
CA LEU B 66 -24.10 -0.65 -0.88
C LEU B 66 -23.14 0.29 -1.61
N MET B 67 -23.14 1.57 -1.22
CA MET B 67 -22.27 2.54 -1.89
C MET B 67 -20.79 2.24 -1.65
N GLU B 68 -20.44 1.76 -0.44
CA GLU B 68 -19.06 1.39 -0.14
C GLU B 68 -18.63 0.17 -0.95
N ARG B 69 -19.57 -0.77 -1.15
CA ARG B 69 -19.32 -1.93 -2.00
C ARG B 69 -19.15 -1.53 -3.47
N PHE B 70 -19.99 -0.62 -3.97
CA PHE B 70 -19.83 -0.10 -5.33
C PHE B 70 -18.50 0.62 -5.58
N VAL B 71 -18.08 1.46 -4.63
CA VAL B 71 -16.78 2.12 -4.71
C VAL B 71 -15.61 1.10 -4.76
N ALA B 72 -15.66 0.06 -3.93
CA ALA B 72 -14.65 -1.02 -3.94
C ALA B 72 -14.64 -1.81 -5.25
N VAL B 73 -15.82 -2.10 -5.79
CA VAL B 73 -15.94 -2.80 -7.09
C VAL B 73 -15.24 -2.00 -8.19
N ALA B 74 -15.49 -0.69 -8.22
CA ALA B 74 -14.89 0.20 -9.21
C ALA B 74 -13.37 0.27 -9.05
N SER B 75 -12.91 0.45 -7.81
CA SER B 75 -11.49 0.54 -7.50
C SER B 75 -10.72 -0.74 -7.85
N ALA B 76 -11.33 -1.89 -7.53
CA ALA B 76 -10.78 -3.21 -7.88
C ALA B 76 -10.67 -3.44 -9.38
N ALA B 77 -11.64 -2.91 -10.13
CA ALA B 77 -11.61 -3.00 -11.58
C ALA B 77 -10.54 -2.11 -12.22
N VAL B 78 -10.34 -0.89 -11.68
CA VAL B 78 -9.21 -0.04 -12.06
C VAL B 78 -7.88 -0.70 -11.71
N ASN B 79 -7.79 -1.29 -10.52
CA ASN B 79 -6.56 -1.92 -10.05
C ASN B 79 -6.11 -3.04 -11.01
N LYS B 80 -7.08 -3.81 -11.50
CA LYS B 80 -6.82 -4.91 -12.43
C LYS B 80 -6.51 -4.43 -13.86
N LYS B 81 -7.30 -3.47 -14.35
CA LYS B 81 -7.11 -2.87 -15.69
C LYS B 81 -5.77 -2.18 -15.88
N ALA B 82 -5.27 -1.55 -14.82
CA ALA B 82 -4.06 -0.73 -14.93
C ALA B 82 -2.83 -1.59 -15.14
N PRO B 83 -2.05 -1.29 -16.21
CA PRO B 83 -0.81 -2.05 -16.50
C PRO B 83 0.41 -1.63 -15.67
N SER B 84 0.38 -0.43 -15.08
CA SER B 84 1.44 0.06 -14.20
C SER B 84 0.85 0.67 -12.93
N ASN B 85 1.69 0.83 -11.91
CA ASN B 85 1.27 1.50 -10.69
C ASN B 85 0.78 2.93 -10.95
N LYS B 86 1.50 3.66 -11.78
CA LYS B 86 1.14 5.03 -12.11
C LYS B 86 -0.28 5.15 -12.67
N GLU B 87 -0.70 4.15 -13.44
CA GLU B 87 -1.96 4.22 -14.14
C GLU B 87 -3.17 3.90 -13.25
N LYS B 88 -2.91 3.37 -12.06
CA LYS B 88 -3.97 3.21 -11.05
C LYS B 88 -4.54 4.57 -10.59
N TYR B 89 -3.81 5.64 -10.85
CA TYR B 89 -4.18 6.99 -10.42
C TYR B 89 -4.49 7.91 -11.60
N HIS B 90 -4.78 7.30 -12.75
CA HIS B 90 -5.25 8.03 -13.95
C HIS B 90 -6.77 8.06 -13.94
N TYR B 91 -7.33 9.26 -13.85
CA TYR B 91 -8.79 9.45 -13.77
C TYR B 91 -9.57 8.83 -14.93
N ASP B 92 -8.99 8.83 -16.12
CA ASP B 92 -9.68 8.28 -17.30
C ASP B 92 -10.04 6.79 -17.17
N ILE B 93 -9.27 6.02 -16.41
CA ILE B 93 -9.60 4.60 -16.17
C ILE B 93 -10.77 4.47 -15.17
N TRP B 94 -10.75 5.32 -14.13
CA TRP B 94 -11.84 5.38 -13.17
C TRP B 94 -13.16 5.81 -13.86
N LYS B 95 -13.07 6.79 -14.74
CA LYS B 95 -14.22 7.25 -15.51
C LYS B 95 -14.83 6.15 -16.41
N GLU B 96 -13.98 5.39 -17.12
CA GLU B 96 -14.49 4.27 -17.95
C GLU B 96 -15.23 3.21 -17.15
N VAL B 97 -14.66 2.80 -16.01
CA VAL B 97 -15.29 1.81 -15.15
C VAL B 97 -16.63 2.33 -14.60
N SER B 98 -16.65 3.59 -14.17
CA SER B 98 -17.87 4.21 -13.63
C SER B 98 -18.96 4.27 -14.71
N ASN B 99 -18.56 4.57 -15.94
CA ASN B 99 -19.46 4.67 -17.08
C ASN B 99 -20.19 3.36 -17.45
N GLN B 100 -19.77 2.26 -16.83
CA GLN B 100 -20.39 0.97 -17.02
C GLN B 100 -21.33 0.64 -15.86
N LEU B 101 -20.95 1.07 -14.67
CA LEU B 101 -21.77 0.87 -13.46
C LEU B 101 -23.02 1.77 -13.44
N ILE B 102 -22.86 3.01 -13.90
CA ILE B 102 -23.88 4.06 -13.80
C ILE B 102 -25.18 3.68 -14.57
N PRO B 103 -25.08 3.38 -15.89
CA PRO B 103 -26.27 2.96 -16.66
C PRO B 103 -27.00 1.76 -16.08
N ALA B 104 -26.27 0.85 -15.43
CA ALA B 104 -26.84 -0.40 -14.92
C ALA B 104 -27.59 -0.29 -13.58
N PHE B 105 -27.08 0.54 -12.67
CA PHE B 105 -27.58 0.55 -11.29
C PHE B 105 -28.02 1.93 -10.80
N PHE B 106 -27.67 2.96 -11.57
CA PHE B 106 -27.87 4.35 -11.13
C PHE B 106 -28.82 5.15 -12.03
N THR B 107 -29.14 6.35 -11.58
CA THR B 107 -29.88 7.34 -12.37
C THR B 107 -29.23 8.73 -12.26
N ASP B 108 -29.81 9.71 -12.94
CA ASP B 108 -29.30 11.09 -12.97
C ASP B 108 -27.77 11.16 -13.02
N PRO B 109 -27.18 10.66 -14.13
CA PRO B 109 -25.71 10.66 -14.26
C PRO B 109 -25.12 12.06 -14.36
N ILE B 110 -23.95 12.28 -13.75
CA ILE B 110 -23.24 13.57 -13.87
C ILE B 110 -21.88 13.43 -14.57
N LYS B 111 -21.39 14.54 -15.10
CA LYS B 111 -20.09 14.59 -15.80
C LYS B 111 -19.58 16.01 -15.99
N GLY B 112 -18.33 16.16 -16.39
CA GLY B 112 -17.78 17.47 -16.75
C GLY B 112 -16.87 18.07 -15.70
N GLU B 113 -16.15 19.12 -16.10
CA GLU B 113 -15.20 19.79 -15.21
C GLU B 113 -15.91 20.74 -14.24
N GLN B 114 -15.42 20.75 -13.01
CA GLN B 114 -15.83 21.72 -12.01
C GLN B 114 -14.57 22.35 -11.43
N ASN B 115 -14.65 23.59 -11.02
CA ASN B 115 -13.46 24.25 -10.50
C ASN B 115 -13.67 24.72 -9.06
N LEU B 116 -12.69 24.42 -8.23
CA LEU B 116 -12.66 24.88 -6.86
C LEU B 116 -11.65 26.03 -6.79
N ASN B 117 -12.16 27.25 -6.94
CA ASN B 117 -11.33 28.44 -6.89
C ASN B 117 -11.78 29.37 -5.76
N THR B 118 -11.18 29.18 -4.60
CA THR B 118 -11.47 30.00 -3.43
C THR B 118 -10.21 30.25 -2.62
N THR B 119 -10.22 31.34 -1.86
CA THR B 119 -9.17 31.62 -0.89
C THR B 119 -9.82 31.59 0.49
N VAL B 120 -9.25 30.77 1.37
CA VAL B 120 -9.78 30.52 2.72
C VAL B 120 -8.64 30.33 3.72
N LYS B 121 -8.93 30.53 5.00
CA LYS B 121 -7.98 30.19 6.07
C LYS B 121 -7.71 28.69 6.06
N GLY B 122 -6.48 28.32 6.40
CA GLY B 122 -6.09 26.91 6.50
C GLY B 122 -7.09 26.07 7.30
N VAL B 123 -7.61 26.67 8.37
CA VAL B 123 -8.59 25.99 9.25
C VAL B 123 -9.96 25.80 8.61
N GLU B 124 -10.22 26.53 7.51
CA GLU B 124 -11.48 26.42 6.75
C GLU B 124 -11.36 25.51 5.52
N VAL B 125 -10.19 24.90 5.29
CA VAL B 125 -9.98 24.03 4.13
C VAL B 125 -10.89 22.80 4.14
N ALA B 126 -10.96 22.13 5.28
CA ALA B 126 -11.76 20.92 5.42
C ALA B 126 -13.21 21.19 5.05
N LYS B 127 -13.77 22.27 5.59
CA LYS B 127 -15.16 22.66 5.31
C LYS B 127 -15.37 22.97 3.84
N SER B 128 -14.40 23.67 3.22
CA SER B 128 -14.43 23.97 1.78
C SER B 128 -14.53 22.71 0.92
N VAL B 129 -13.77 21.68 1.28
CA VAL B 129 -13.77 20.40 0.56
C VAL B 129 -15.14 19.69 0.67
N ILE B 130 -15.65 19.55 1.91
CA ILE B 130 -17.00 18.97 2.13
C ILE B 130 -18.10 19.68 1.33
N GLN B 131 -18.12 21.01 1.38
CA GLN B 131 -19.15 21.80 0.65
C GLN B 131 -19.04 21.58 -0.87
N PHE B 132 -17.81 21.53 -1.37
CA PHE B 132 -17.57 21.25 -2.80
C PHE B 132 -17.99 19.82 -3.16
N ALA B 133 -17.65 18.84 -2.30
CA ALA B 133 -17.91 17.40 -2.58
C ALA B 133 -19.39 17.02 -2.55
N GLY B 134 -20.16 17.69 -1.70
CA GLY B 134 -21.57 17.35 -1.52
C GLY B 134 -22.59 18.26 -2.19
N ASN B 135 -22.14 19.41 -2.72
CA ASN B 135 -23.06 20.50 -3.13
C ASN B 135 -23.94 21.00 -1.96
N VAL B 136 -23.29 21.30 -0.84
CA VAL B 136 -24.01 21.58 0.40
C VAL B 136 -23.46 22.80 1.12
N ILE B 137 -24.25 23.32 2.05
CA ILE B 137 -23.77 24.27 3.07
C ILE B 137 -23.64 23.50 4.39
N ALA B 138 -22.42 23.32 4.88
CA ALA B 138 -22.17 22.58 6.11
C ALA B 138 -22.22 23.49 7.32
N GLY B 139 -22.39 22.90 8.50
CA GLY B 139 -22.17 23.60 9.77
C GLY B 139 -20.80 23.21 10.31
N ASN B 140 -20.81 22.45 11.38
CA ASN B 140 -19.59 21.96 12.02
C ASN B 140 -19.00 20.75 11.28
N VAL B 141 -17.67 20.74 11.13
CA VAL B 141 -16.95 19.62 10.51
C VAL B 141 -15.77 19.09 11.34
N THR B 142 -15.84 19.19 12.68
CA THR B 142 -14.71 18.85 13.56
C THR B 142 -14.05 17.48 13.29
N GLY B 143 -14.85 16.43 13.18
CA GLY B 143 -14.31 15.10 12.91
C GLY B 143 -13.52 15.04 11.61
N PHE B 144 -14.07 15.61 10.55
CA PHE B 144 -13.44 15.60 9.22
C PHE B 144 -12.16 16.43 9.18
N ALA B 145 -12.20 17.62 9.79
CA ALA B 145 -11.06 18.53 9.83
C ALA B 145 -9.82 17.88 10.44
N THR B 146 -9.99 17.21 11.60
CA THR B 146 -8.90 16.49 12.26
C THR B 146 -8.41 15.33 11.40
N PHE B 147 -9.34 14.59 10.80
CA PHE B 147 -8.95 13.48 9.93
C PHE B 147 -8.10 14.00 8.77
N LEU B 148 -8.55 15.09 8.16
CA LEU B 148 -7.88 15.63 6.99
C LEU B 148 -6.49 16.15 7.39
N GLN B 149 -6.42 16.85 8.52
CA GLN B 149 -5.15 17.37 9.04
C GLN B 149 -4.11 16.26 9.21
N ASN B 150 -4.47 15.19 9.92
CA ASN B 150 -3.59 14.05 10.10
C ASN B 150 -3.24 13.31 8.80
N PHE B 151 -4.18 13.29 7.86
CA PHE B 151 -3.95 12.61 6.58
C PHE B 151 -3.02 13.45 5.71
N GLY B 152 -3.20 14.77 5.77
CA GLY B 152 -2.28 15.71 5.13
C GLY B 152 -0.82 15.38 5.36
N ASN B 153 -0.51 14.89 6.57
CA ASN B 153 0.84 14.45 6.94
C ASN B 153 1.39 13.33 6.06
N GLY B 154 0.64 12.23 5.99
CA GLY B 154 0.96 11.11 5.14
C GLY B 154 0.97 11.46 3.66
N LEU B 155 0.01 12.26 3.24
CA LEU B 155 -0.08 12.72 1.86
C LEU B 155 1.18 13.50 1.47
N SER B 156 1.55 14.48 2.29
CA SER B 156 2.71 15.35 2.07
C SER B 156 4.06 14.61 2.02
N ALA B 157 4.16 13.52 2.77
CA ALA B 157 5.34 12.66 2.78
C ALA B 157 5.47 11.87 1.46
N GLU B 158 4.34 11.40 0.93
CA GLU B 158 4.33 10.79 -0.40
C GLU B 158 4.63 11.80 -1.51
N MET B 159 4.01 12.97 -1.43
CA MET B 159 4.11 14.00 -2.49
C MET B 159 5.51 14.62 -2.61
N ASN B 160 6.27 14.62 -1.53
CA ASN B 160 7.61 15.18 -1.60
C ASN B 160 8.70 14.19 -2.03
N LYS B 161 8.27 13.02 -2.51
CA LYS B 161 9.16 12.00 -3.10
C LYS B 161 9.48 12.30 -4.57
N THR B 162 8.73 13.26 -5.15
CA THR B 162 8.88 13.69 -6.53
C THR B 162 8.81 15.23 -6.60
N GLN B 163 9.27 15.80 -7.70
CA GLN B 163 9.19 17.24 -7.93
C GLN B 163 8.12 17.62 -8.96
N ALA B 164 7.24 16.67 -9.31
CA ALA B 164 6.26 16.84 -10.38
C ALA B 164 4.80 16.79 -9.89
N ASN B 165 3.85 17.02 -10.81
CA ASN B 165 2.41 16.95 -10.51
C ASN B 165 2.02 15.61 -9.88
N TYR B 166 1.12 15.67 -8.90
CA TYR B 166 0.71 14.49 -8.12
C TYR B 166 -0.79 14.30 -8.25
N ASN B 167 -1.20 13.15 -8.77
CA ASN B 167 -2.61 12.90 -9.01
C ASN B 167 -3.37 12.61 -7.73
N TYR B 168 -4.55 13.21 -7.59
CA TYR B 168 -5.33 13.09 -6.37
C TYR B 168 -6.78 12.87 -6.72
N LEU B 169 -7.29 11.70 -6.34
CA LEU B 169 -8.66 11.29 -6.68
C LEU B 169 -9.49 11.21 -5.41
N TYR B 170 -10.79 11.46 -5.56
CA TYR B 170 -11.80 11.25 -4.52
C TYR B 170 -12.79 10.21 -4.98
N ALA B 171 -12.77 9.07 -4.32
CA ALA B 171 -13.70 7.98 -4.62
C ALA B 171 -14.61 7.85 -3.41
N TYR B 172 -15.86 8.28 -3.56
CA TYR B 172 -16.72 8.46 -2.37
C TYR B 172 -18.21 8.37 -2.64
N SER B 173 -18.98 8.36 -1.56
CA SER B 173 -20.44 8.50 -1.63
C SER B 173 -20.99 9.52 -0.64
N THR B 174 -22.17 10.04 -0.98
CA THR B 174 -22.89 10.97 -0.11
C THR B 174 -24.26 10.37 0.16
N HIS B 175 -24.80 10.67 1.33
CA HIS B 175 -26.05 10.13 1.80
C HIS B 175 -26.86 11.29 2.34
N ASP B 176 -27.74 11.82 1.48
CA ASP B 176 -28.40 13.12 1.66
C ASP B 176 -29.72 12.93 2.38
N LEU B 177 -29.87 13.59 3.53
CA LEU B 177 -31.16 13.60 4.22
C LEU B 177 -31.63 15.03 4.38
N PHE B 178 -32.40 15.47 3.39
CA PHE B 178 -32.86 16.83 3.25
C PHE B 178 -34.38 16.86 3.08
N GLN B 179 -34.97 18.03 3.25
CA GLN B 179 -36.41 18.26 3.03
C GLN B 179 -36.78 18.52 1.56
N ASP B 180 -37.83 17.84 1.08
CA ASP B 180 -38.41 18.12 -0.24
C ASP B 180 -39.28 19.39 -0.18
N THR B 181 -39.75 19.84 -1.34
CA THR B 181 -40.46 21.13 -1.46
C THR B 181 -41.67 21.31 -0.53
N SER B 182 -42.34 20.21 -0.18
CA SER B 182 -43.38 20.21 0.85
C SER B 182 -42.75 20.56 2.21
N GLY B 183 -42.20 19.54 2.87
CA GLY B 183 -41.44 19.72 4.11
C GLY B 183 -41.03 18.37 4.68
N ASN B 184 -41.00 17.37 3.81
CA ASN B 184 -40.70 16.00 4.21
C ASN B 184 -39.29 15.57 3.78
N VAL B 185 -38.61 14.84 4.67
CA VAL B 185 -37.25 14.35 4.42
C VAL B 185 -37.21 13.23 3.37
N PHE B 186 -36.25 13.31 2.45
CA PHE B 186 -35.95 12.24 1.52
C PHE B 186 -34.52 11.75 1.75
N TYR B 187 -34.24 10.51 1.35
CA TYR B 187 -32.89 9.96 1.31
C TYR B 187 -32.42 9.83 -0.16
N LYS B 188 -31.33 10.54 -0.47
CA LYS B 188 -30.64 10.41 -1.76
C LYS B 188 -29.19 9.90 -1.60
N PRO B 189 -28.95 8.61 -1.96
CA PRO B 189 -27.55 8.16 -2.03
C PRO B 189 -26.90 8.42 -3.39
N ARG B 190 -25.71 9.02 -3.38
CA ARG B 190 -24.93 9.29 -4.59
C ARG B 190 -23.55 8.59 -4.61
N PHE B 191 -23.15 8.13 -5.79
CA PHE B 191 -21.85 7.52 -6.04
C PHE B 191 -21.06 8.55 -6.87
N LEU B 192 -19.88 8.94 -6.42
CA LEU B 192 -19.09 9.99 -7.07
C LEU B 192 -17.61 9.69 -7.10
N ILE B 193 -16.99 9.95 -8.26
CA ILE B 193 -15.56 9.82 -8.45
C ILE B 193 -15.04 11.11 -9.08
N TYR B 194 -14.19 11.81 -8.34
CA TYR B 194 -13.63 13.09 -8.76
C TYR B 194 -12.11 12.94 -8.90
N GLY B 195 -11.52 13.70 -9.81
CA GLY B 195 -10.10 13.61 -10.07
C GLY B 195 -9.50 14.98 -10.31
N THR B 196 -8.39 15.23 -9.63
CA THR B 196 -7.60 16.44 -9.83
C THR B 196 -6.11 16.07 -9.71
N HIS B 197 -5.25 17.09 -9.54
CA HIS B 197 -3.84 16.90 -9.24
C HIS B 197 -3.34 18.11 -8.45
N PHE B 198 -2.23 17.92 -7.73
CA PHE B 198 -1.53 19.02 -7.06
C PHE B 198 -0.34 19.41 -7.96
N LYS B 199 -0.24 20.68 -8.29
CA LYS B 199 0.98 21.20 -8.91
C LYS B 199 2.04 21.29 -7.83
N GLN B 200 3.32 21.27 -8.21
CA GLN B 200 4.41 21.29 -7.22
C GLN B 200 4.30 22.46 -6.22
N GLU B 201 3.79 23.59 -6.70
CA GLU B 201 3.57 24.78 -5.87
C GLU B 201 2.39 24.62 -4.89
N GLN B 202 1.51 23.66 -5.19
CA GLN B 202 0.30 23.41 -4.40
C GLN B 202 0.49 22.35 -3.32
N LYS B 203 1.67 21.74 -3.28
CA LYS B 203 1.95 20.67 -2.32
C LYS B 203 1.91 21.14 -0.86
N LYS B 204 2.28 22.40 -0.63
CA LYS B 204 2.26 23.02 0.70
C LYS B 204 0.88 22.99 1.38
N ILE B 205 -0.18 22.99 0.56
CA ILE B 205 -1.56 22.98 1.03
C ILE B 205 -1.82 21.78 1.96
N ALA B 206 -1.15 20.66 1.70
CA ALA B 206 -1.29 19.44 2.50
C ALA B 206 -0.84 19.58 3.96
N THR B 207 -0.16 20.68 4.29
CA THR B 207 0.25 20.91 5.69
C THR B 207 -0.26 22.26 6.23
N SER B 208 -1.30 22.80 5.60
CA SER B 208 -1.80 24.14 5.92
C SER B 208 -3.11 24.14 6.72
N CYS B 209 -3.66 22.95 6.95
CA CYS B 209 -4.96 22.78 7.64
C CYS B 209 -5.04 23.40 9.04
N ALA B 210 -3.90 23.50 9.72
CA ALA B 210 -3.86 24.01 11.09
C ALA B 210 -3.67 25.53 11.17
N SER B 211 -3.20 26.13 10.07
CA SER B 211 -2.84 27.55 10.08
C SER B 211 -4.04 28.50 9.89
N TYR B 212 -3.93 29.69 10.46
CA TYR B 212 -4.95 30.74 10.28
C TYR B 212 -4.66 31.70 9.13
N GLN B 213 -3.50 31.54 8.49
CA GLN B 213 -3.15 32.28 7.27
C GLN B 213 -4.06 31.83 6.14
N GLU B 214 -4.40 32.74 5.23
CA GLU B 214 -5.25 32.39 4.08
C GLU B 214 -4.48 31.52 3.08
N VAL B 215 -5.18 30.54 2.50
CA VAL B 215 -4.58 29.69 1.46
C VAL B 215 -5.43 29.61 0.20
N ASN B 216 -4.74 29.68 -0.94
CA ASN B 216 -5.37 29.64 -2.24
C ASN B 216 -5.70 28.22 -2.69
N LEU B 217 -6.97 27.98 -3.01
CA LEU B 217 -7.40 26.74 -3.62
C LEU B 217 -7.78 27.00 -5.07
N GLU B 218 -7.05 26.37 -6.00
CA GLU B 218 -7.27 26.53 -7.43
C GLU B 218 -7.09 25.16 -8.10
N PHE B 219 -8.18 24.41 -8.18
CA PHE B 219 -8.13 23.01 -8.62
C PHE B 219 -9.18 22.77 -9.69
N GLY B 220 -8.75 22.25 -10.84
CA GLY B 220 -9.67 21.84 -11.91
C GLY B 220 -10.03 20.38 -11.64
N VAL B 221 -11.31 20.11 -11.44
CA VAL B 221 -11.75 18.79 -10.98
C VAL B 221 -12.69 18.14 -12.00
N ASP B 222 -12.30 16.98 -12.52
CA ASP B 222 -13.15 16.22 -13.45
C ASP B 222 -14.05 15.26 -12.66
N THR B 223 -15.33 15.17 -13.07
CA THR B 223 -16.37 14.52 -12.25
C THR B 223 -17.15 13.44 -12.99
N VAL B 224 -17.58 12.42 -12.26
CA VAL B 224 -18.51 11.40 -12.77
C VAL B 224 -19.24 10.80 -11.57
N GLY B 225 -20.48 10.37 -11.79
CA GLY B 225 -21.28 9.84 -10.70
C GLY B 225 -22.74 9.63 -11.04
N GLY B 226 -23.50 9.16 -10.05
CA GLY B 226 -24.94 8.96 -10.21
C GLY B 226 -25.64 8.77 -8.89
N THR B 227 -26.96 8.75 -8.93
CA THR B 227 -27.81 8.51 -7.77
C THR B 227 -28.25 7.05 -7.79
N PHE B 228 -28.11 6.38 -6.65
CA PHE B 228 -28.50 4.96 -6.59
C PHE B 228 -30.01 4.81 -6.54
N ARG B 229 -30.49 3.76 -7.23
CA ARG B 229 -31.92 3.44 -7.27
C ARG B 229 -32.35 2.71 -5.99
N ILE B 230 -32.41 3.46 -4.89
CA ILE B 230 -32.65 2.91 -3.56
C ILE B 230 -34.13 2.49 -3.35
N GLU B 231 -35.05 3.25 -3.93
CA GLU B 231 -36.49 2.94 -3.92
C GLU B 231 -36.77 1.54 -4.47
N GLU B 232 -36.28 1.32 -5.68
CA GLU B 232 -36.37 0.05 -6.38
C GLU B 232 -35.65 -1.10 -5.66
N TYR B 233 -34.54 -0.80 -5.00
CA TYR B 233 -33.81 -1.81 -4.24
C TYR B 233 -34.68 -2.40 -3.13
N PHE B 234 -35.51 -1.53 -2.54
CA PHE B 234 -36.36 -1.90 -1.43
C PHE B 234 -37.74 -2.39 -1.86
N SER B 235 -38.10 -2.15 -3.12
CA SER B 235 -39.43 -2.53 -3.64
C SER B 235 -39.43 -3.64 -4.70
N ASN B 236 -38.40 -3.67 -5.55
CA ASN B 236 -38.31 -4.65 -6.62
C ASN B 236 -37.31 -5.76 -6.30
N GLU B 237 -37.79 -7.00 -6.17
CA GLU B 237 -36.91 -8.11 -5.81
C GLU B 237 -35.94 -8.49 -6.92
N THR B 238 -36.36 -8.36 -8.17
CA THR B 238 -35.48 -8.62 -9.31
C THR B 238 -34.24 -7.71 -9.23
N PHE B 239 -34.47 -6.42 -8.96
CA PHE B 239 -33.36 -5.44 -8.89
C PHE B 239 -32.46 -5.63 -7.67
N LYS B 240 -33.04 -5.88 -6.49
CA LYS B 240 -32.25 -6.17 -5.30
C LYS B 240 -31.31 -7.37 -5.53
N LYS B 241 -31.85 -8.44 -6.11
CA LYS B 241 -31.07 -9.64 -6.43
C LYS B 241 -29.98 -9.41 -7.49
N LYS B 242 -30.27 -8.61 -8.51
CA LYS B 242 -29.28 -8.27 -9.51
C LYS B 242 -28.09 -7.52 -8.87
N VAL B 243 -28.40 -6.58 -7.96
CA VAL B 243 -27.40 -5.79 -7.27
C VAL B 243 -26.55 -6.68 -6.37
N ASP B 244 -27.22 -7.43 -5.50
CA ASP B 244 -26.56 -8.32 -4.54
C ASP B 244 -25.62 -9.33 -5.20
N ASN B 245 -26.07 -9.92 -6.30
CA ASN B 245 -25.26 -10.87 -7.06
C ASN B 245 -24.01 -10.25 -7.66
N PHE B 246 -24.17 -9.11 -8.30
CA PHE B 246 -23.06 -8.37 -8.92
C PHE B 246 -22.00 -7.98 -7.88
N LEU B 247 -22.44 -7.40 -6.77
CA LEU B 247 -21.53 -7.01 -5.71
C LEU B 247 -20.78 -8.22 -5.10
N ASP B 248 -21.49 -9.32 -4.87
CA ASP B 248 -20.87 -10.61 -4.47
C ASP B 248 -19.79 -11.10 -5.43
N LYS B 249 -20.02 -10.90 -6.72
CA LYS B 249 -19.18 -11.48 -7.76
C LYS B 249 -17.87 -10.70 -7.96
N TYR B 250 -17.98 -9.38 -7.90
CA TYR B 250 -16.86 -8.51 -8.26
C TYR B 250 -16.38 -7.70 -7.07
N GLU B 251 -16.82 -8.11 -5.88
CA GLU B 251 -16.43 -7.51 -4.61
C GLU B 251 -14.93 -7.20 -4.52
N GLY B 252 -14.62 -5.94 -4.23
CA GLY B 252 -13.26 -5.55 -3.91
C GLY B 252 -13.08 -5.62 -2.41
N LYS B 253 -11.82 -5.66 -1.96
CA LYS B 253 -11.50 -5.55 -0.54
C LYS B 253 -12.11 -4.26 0.01
N ALA B 254 -12.44 -4.26 1.30
CA ALA B 254 -13.17 -3.16 1.93
C ALA B 254 -12.39 -1.85 1.86
N ILE B 255 -13.08 -0.78 1.48
CA ILE B 255 -12.47 0.56 1.40
C ILE B 255 -12.24 1.10 2.81
N ASP B 256 -13.01 0.61 3.79
CA ASP B 256 -12.87 1.06 5.18
C ASP B 256 -11.58 0.57 5.88
N ASP B 257 -10.86 -0.31 5.21
CA ASP B 257 -9.50 -0.72 5.60
C ASP B 257 -8.38 0.11 4.94
N ALA B 258 -8.74 1.05 4.05
CA ALA B 258 -7.72 1.87 3.39
C ALA B 258 -7.20 2.94 4.33
N ASP B 259 -5.95 3.38 4.12
CA ASP B 259 -5.33 4.43 4.96
C ASP B 259 -5.91 5.83 4.74
N SER B 260 -6.67 5.99 3.66
CA SER B 260 -7.27 7.26 3.31
C SER B 260 -8.77 7.32 3.64
N TYR B 261 -9.29 6.32 4.32
CA TYR B 261 -10.74 6.21 4.54
C TYR B 261 -11.23 7.09 5.69
N PHE B 262 -12.39 7.72 5.49
CA PHE B 262 -13.09 8.43 6.56
C PHE B 262 -14.60 8.33 6.32
N ASP B 263 -15.34 8.20 7.42
CA ASP B 263 -16.79 8.28 7.36
C ASP B 263 -17.31 9.13 8.53
N ASP B 264 -18.43 9.83 8.32
CA ASP B 264 -19.07 10.58 9.40
C ASP B 264 -20.51 10.99 9.06
N ILE B 265 -21.27 11.37 10.10
CA ILE B 265 -22.53 12.07 9.90
C ILE B 265 -22.34 13.55 10.25
N PHE B 266 -22.55 14.41 9.26
CA PHE B 266 -22.53 15.85 9.49
C PHE B 266 -23.93 16.32 9.87
N ASN B 267 -23.98 17.24 10.83
CA ASN B 267 -25.24 17.83 11.28
C ASN B 267 -25.45 19.26 10.82
N GLY B 268 -26.72 19.64 10.63
CA GLY B 268 -27.09 20.99 10.30
C GLY B 268 -26.72 21.35 8.87
N VAL B 269 -26.83 20.38 7.98
CA VAL B 269 -26.46 20.59 6.56
C VAL B 269 -27.72 20.91 5.76
N LYS B 270 -27.56 21.74 4.73
CA LYS B 270 -28.58 21.91 3.71
C LYS B 270 -27.94 22.02 2.32
N PRO B 271 -28.75 21.85 1.25
CA PRO B 271 -28.22 21.92 -0.11
C PRO B 271 -27.86 23.35 -0.52
N ASN B 272 -26.80 23.49 -1.34
CA ASN B 272 -26.41 24.77 -1.91
C ASN B 272 -27.19 25.09 -3.21
N LYS B 273 -26.86 26.22 -3.83
CA LYS B 273 -27.60 26.71 -4.99
C LYS B 273 -27.51 25.83 -6.26
N ASN B 274 -26.52 24.94 -6.30
CA ASN B 274 -26.29 24.03 -7.44
C ASN B 274 -26.78 22.59 -7.22
N TYR B 275 -27.34 22.32 -6.05
CA TYR B 275 -27.84 20.97 -5.72
C TYR B 275 -29.02 20.61 -6.62
N VAL B 276 -28.98 19.38 -7.12
CA VAL B 276 -30.03 18.85 -8.01
C VAL B 276 -30.87 17.85 -7.21
N TYR B 277 -32.13 18.19 -6.98
CA TYR B 277 -33.06 17.38 -6.20
C TYR B 277 -33.48 16.07 -6.88
C1 PLM C . 8.66 -25.40 0.02
O2 PLM C . 8.48 -26.63 0.26
C2 PLM C . 7.96 -24.35 0.88
C3 PLM C . 8.91 -23.57 1.78
C4 PLM C . 8.21 -22.54 2.66
C5 PLM C . 7.82 -21.27 1.91
C6 PLM C . 6.64 -20.55 2.55
C7 PLM C . 6.55 -19.11 2.04
C8 PLM C . 5.12 -18.54 2.08
C9 PLM C . 5.01 -17.50 3.20
CA PLM C . 4.81 -16.08 2.71
CB PLM C . 6.02 -15.21 3.04
CC PLM C . 6.09 -14.03 2.08
CD PLM C . 7.51 -13.75 1.62
CE PLM C . 7.91 -12.33 2.00
CF PLM C . 9.12 -11.85 1.21
C1 PLM D . -4.76 19.82 5.53
O2 PLM D . -3.64 19.52 6.03
C2 PLM D . -4.98 19.77 4.03
C3 PLM D . -5.21 18.34 3.57
C4 PLM D . -4.81 18.16 2.09
C5 PLM D . -6.01 18.01 1.17
C6 PLM D . -6.32 19.32 0.45
C7 PLM D . -7.68 19.24 -0.25
C8 PLM D . -7.79 20.18 -1.45
C9 PLM D . -7.94 19.38 -2.74
CA PLM D . -9.20 19.79 -3.48
CB PLM D . -9.91 18.57 -4.07
CC PLM D . -11.37 18.87 -4.36
CD PLM D . -12.30 18.00 -3.53
CE PLM D . -12.89 16.88 -4.39
CF PLM D . -14.21 16.37 -3.81
#